data_8BD1
#
_entry.id   8BD1
#
_cell.length_a   51.580
_cell.length_b   51.580
_cell.length_c   206.140
_cell.angle_alpha   90.000
_cell.angle_beta   90.000
_cell.angle_gamma   90.000
#
_symmetry.space_group_name_H-M   'P 41 21 2'
#
loop_
_entity.id
_entity.type
_entity.pdbx_description
1 polymer 'Type IV secretion protein Rhs'
2 polymer 'SMI1/KNR4 family protein'
3 water water
#
loop_
_entity_poly.entity_id
_entity_poly.type
_entity_poly.pdbx_seq_one_letter_code
_entity_poly.pdbx_strand_id
1 'polypeptide(L)'
;SDTKTSKTVGGRKIINSEFAGKTVTTKGGDVRFDSDGFPDFTPYSKKTVRVIGLTGDMANDVPLAMARAKITKYDKSKYV
WHHHQDGKTMMLIPKSVHSVRNGGVAHTGGRSVIQHNLLNPNNKLNYSSPEELV
;
A
2 'polypeptide(L)'
;MISLSDIENLIQHIWEEPIFSDVTSKKVVVSLYGTLSKKIPDKFIIIEEVFPKDELEDIWSNYEEYLDEYLIFPFLGTLG
EAVICIGYGNDNKGKIFYFDFDFGACELDGDNLEAFLEKLLESGSTENLYFQ
;
B
#
# COMPACT_ATOMS: atom_id res chain seq x y z
N LYS A 7 19.38 -3.82 8.71
CA LYS A 7 18.38 -3.00 8.03
C LYS A 7 16.98 -3.64 8.11
N THR A 8 16.39 -3.55 9.29
CA THR A 8 15.07 -4.10 9.55
C THR A 8 14.21 -3.08 10.27
N VAL A 9 12.90 -3.26 10.14
CA VAL A 9 11.91 -2.52 10.92
C VAL A 9 10.87 -3.55 11.35
N GLY A 10 10.56 -3.59 12.64
CA GLY A 10 9.63 -4.58 13.13
C GLY A 10 10.08 -6.00 12.94
N GLY A 11 11.39 -6.21 12.79
CA GLY A 11 11.90 -7.53 12.50
C GLY A 11 11.82 -7.96 11.05
N ARG A 12 11.27 -7.12 10.18
CA ARG A 12 11.18 -7.41 8.76
C ARG A 12 12.30 -6.70 8.01
N LYS A 13 12.90 -7.39 7.06
CA LYS A 13 13.90 -6.76 6.21
C LYS A 13 13.31 -5.54 5.52
N ILE A 14 14.05 -4.42 5.55
CA ILE A 14 13.65 -3.24 4.78
C ILE A 14 13.70 -3.59 3.30
N ILE A 15 12.60 -3.35 2.59
CA ILE A 15 12.49 -3.78 1.21
C ILE A 15 13.49 -3.00 0.36
N ASN A 16 14.26 -3.73 -0.46
CA ASN A 16 15.30 -3.16 -1.31
C ASN A 16 16.40 -2.46 -0.51
N SER A 17 16.59 -2.87 0.75
CA SER A 17 17.65 -2.27 1.56
C SER A 17 19.03 -2.60 1.03
N GLU A 18 19.15 -3.62 0.18
CA GLU A 18 20.42 -3.94 -0.46
C GLU A 18 20.89 -2.83 -1.40
N PHE A 19 20.06 -1.82 -1.66
CA PHE A 19 20.44 -0.65 -2.43
C PHE A 19 20.75 0.57 -1.56
N ALA A 20 20.95 0.37 -0.25
CA ALA A 20 21.28 1.49 0.63
C ALA A 20 22.55 2.18 0.16
N GLY A 21 22.52 3.51 0.14
CA GLY A 21 23.63 4.28 -0.39
C GLY A 21 23.78 4.26 -1.89
N LYS A 22 22.87 3.60 -2.61
CA LYS A 22 22.91 3.51 -4.06
C LYS A 22 21.70 4.21 -4.67
N THR A 23 21.75 4.39 -5.97
CA THR A 23 20.68 5.03 -6.74
C THR A 23 20.05 3.99 -7.66
N VAL A 24 18.71 3.98 -7.70
CA VAL A 24 17.99 3.07 -8.57
C VAL A 24 17.16 3.88 -9.55
N THR A 25 16.93 3.30 -10.72
CA THR A 25 16.11 3.94 -11.74
C THR A 25 14.66 3.50 -11.58
N THR A 26 13.75 4.43 -11.82
CA THR A 26 12.32 4.14 -11.87
C THR A 26 11.75 4.82 -13.10
N LYS A 27 10.47 4.52 -13.38
CA LYS A 27 9.81 5.13 -14.52
C LYS A 27 9.78 6.65 -14.43
N GLY A 28 9.73 7.20 -13.22
CA GLY A 28 9.66 8.62 -13.00
C GLY A 28 10.96 9.31 -12.72
N GLY A 29 12.07 8.57 -12.70
CA GLY A 29 13.37 9.14 -12.47
C GLY A 29 14.17 8.34 -11.46
N ASP A 30 15.41 8.76 -11.27
CA ASP A 30 16.31 8.08 -10.34
C ASP A 30 15.88 8.36 -8.90
N VAL A 31 15.97 7.33 -8.07
CA VAL A 31 15.67 7.43 -6.64
C VAL A 31 16.89 6.95 -5.86
N ARG A 32 17.43 7.83 -5.02
CA ARG A 32 18.54 7.47 -4.16
C ARG A 32 17.99 6.84 -2.88
N PHE A 33 18.62 5.75 -2.45
CA PHE A 33 18.34 5.13 -1.15
C PHE A 33 19.42 5.57 -0.15
N ASP A 34 19.00 5.97 1.03
CA ASP A 34 19.95 6.49 2.02
C ASP A 34 20.67 5.35 2.74
N SER A 35 21.51 5.73 3.71
CA SER A 35 22.34 4.74 4.40
C SER A 35 21.53 3.73 5.20
N ASP A 36 20.28 4.06 5.56
CA ASP A 36 19.45 3.12 6.30
C ASP A 36 18.60 2.23 5.40
N GLY A 37 18.65 2.43 4.09
CA GLY A 37 17.84 1.66 3.17
C GLY A 37 16.51 2.27 2.83
N PHE A 38 16.29 3.55 3.14
CA PHE A 38 15.04 4.21 2.80
C PHE A 38 15.22 5.10 1.57
N PRO A 39 14.26 5.09 0.65
CA PRO A 39 14.36 5.99 -0.50
C PRO A 39 14.23 7.43 -0.07
N ASP A 40 14.90 8.31 -0.81
CA ASP A 40 14.78 9.76 -0.63
C ASP A 40 13.86 10.27 -1.73
N PHE A 41 12.62 10.60 -1.37
CA PHE A 41 11.65 11.09 -2.32
C PHE A 41 11.56 12.61 -2.32
N THR A 42 12.42 13.30 -1.57
CA THR A 42 12.37 14.76 -1.55
C THR A 42 12.49 15.43 -2.92
N PRO A 43 13.30 14.95 -3.87
CA PRO A 43 13.33 15.63 -5.18
C PRO A 43 12.00 15.58 -5.92
N TYR A 44 11.09 14.69 -5.53
CA TYR A 44 9.85 14.47 -6.26
C TYR A 44 8.62 14.96 -5.52
N SER A 45 8.72 15.29 -4.24
CA SER A 45 7.54 15.59 -3.46
C SER A 45 6.93 16.93 -3.86
N LYS A 46 5.60 16.93 -4.01
CA LYS A 46 4.87 18.17 -4.25
C LYS A 46 4.34 18.79 -2.97
N LYS A 47 4.29 18.03 -1.88
CA LYS A 47 3.87 18.52 -0.57
C LYS A 47 4.60 17.69 0.45
N THR A 48 5.30 18.34 1.38
CA THR A 48 6.00 17.65 2.46
C THR A 48 5.56 18.34 3.74
N VAL A 49 4.77 17.65 4.56
CA VAL A 49 4.04 18.28 5.66
C VAL A 49 4.25 17.50 6.95
N ARG A 50 4.52 18.23 8.02
CA ARG A 50 4.62 17.64 9.35
C ARG A 50 3.22 17.42 9.91
N VAL A 51 2.99 16.23 10.48
CA VAL A 51 1.70 15.87 11.06
C VAL A 51 1.96 15.24 12.41
N ILE A 52 1.24 15.69 13.43
CA ILE A 52 1.28 15.07 14.75
C ILE A 52 0.17 14.03 14.81
N GLY A 53 0.50 12.85 15.32
CA GLY A 53 -0.52 11.82 15.51
C GLY A 53 -0.67 10.86 14.37
N LEU A 54 0.33 10.74 13.50
CA LEU A 54 0.28 9.72 12.46
C LEU A 54 0.27 8.34 13.10
N THR A 55 -0.50 7.43 12.51
CA THR A 55 -0.55 6.06 13.00
C THR A 55 -0.09 5.04 11.98
N GLY A 56 0.01 5.41 10.71
CA GLY A 56 0.24 4.44 9.66
C GLY A 56 -1.04 3.94 9.01
N ASP A 57 -2.19 4.27 9.57
CA ASP A 57 -3.49 4.00 8.95
C ASP A 57 -3.68 5.02 7.82
N MET A 58 -3.63 4.56 6.56
CA MET A 58 -3.66 5.49 5.42
C MET A 58 -4.89 6.39 5.45
N ALA A 59 -6.07 5.79 5.65
CA ALA A 59 -7.31 6.56 5.54
C ALA A 59 -7.45 7.56 6.67
N ASN A 60 -6.84 7.28 7.82
CA ASN A 60 -6.82 8.23 8.92
C ASN A 60 -5.77 9.30 8.70
N ASP A 61 -4.61 8.93 8.16
CA ASP A 61 -3.48 9.85 8.09
C ASP A 61 -3.57 10.81 6.91
N VAL A 62 -4.08 10.34 5.77
CA VAL A 62 -4.16 11.22 4.58
C VAL A 62 -4.95 12.50 4.85
N PRO A 63 -6.14 12.45 5.46
CA PRO A 63 -6.84 13.72 5.76
C PRO A 63 -6.03 14.68 6.60
N LEU A 64 -5.23 14.18 7.55
CA LEU A 64 -4.38 15.05 8.35
C LEU A 64 -3.31 15.71 7.47
N ALA A 65 -2.72 14.95 6.56
CA ALA A 65 -1.72 15.53 5.65
C ALA A 65 -2.35 16.55 4.72
N MET A 66 -3.54 16.25 4.21
CA MET A 66 -4.21 17.15 3.28
C MET A 66 -4.50 18.49 3.96
N ALA A 67 -4.95 18.44 5.22
CA ALA A 67 -5.22 19.67 5.96
C ALA A 67 -3.95 20.49 6.15
N ARG A 68 -2.83 19.86 6.52
CA ARG A 68 -1.57 20.58 6.66
C ARG A 68 -1.05 21.09 5.31
N ALA A 69 -1.38 20.38 4.22
CA ALA A 69 -0.97 20.79 2.89
C ALA A 69 -1.88 21.86 2.32
N LYS A 70 -3.00 22.17 2.97
CA LYS A 70 -3.91 23.23 2.55
C LYS A 70 -4.53 22.92 1.18
N ILE A 71 -4.81 21.65 0.92
CA ILE A 71 -5.51 21.22 -0.29
C ILE A 71 -6.60 20.22 0.10
N THR A 72 -7.67 20.19 -0.70
CA THR A 72 -8.77 19.29 -0.41
C THR A 72 -8.84 18.10 -1.36
N LYS A 73 -8.14 18.14 -2.50
CA LYS A 73 -8.15 17.06 -3.46
C LYS A 73 -6.76 16.95 -4.06
N TYR A 74 -6.42 15.75 -4.52
CA TYR A 74 -5.24 15.54 -5.34
C TYR A 74 -5.56 14.47 -6.38
N ASP A 75 -4.73 14.43 -7.43
CA ASP A 75 -4.92 13.51 -8.55
C ASP A 75 -4.44 12.12 -8.14
N LYS A 76 -5.40 11.27 -7.78
CA LYS A 76 -5.06 9.92 -7.32
C LYS A 76 -4.51 9.04 -8.43
N SER A 77 -4.72 9.39 -9.69
CA SER A 77 -4.11 8.63 -10.75
C SER A 77 -2.62 8.94 -10.89
N LYS A 78 -2.17 10.06 -10.32
CA LYS A 78 -0.80 10.52 -10.50
C LYS A 78 0.05 10.45 -9.24
N TYR A 79 -0.55 10.66 -8.06
CA TYR A 79 0.21 10.81 -6.83
C TYR A 79 -0.27 9.81 -5.78
N VAL A 80 0.59 9.62 -4.78
CA VAL A 80 0.31 8.79 -3.61
C VAL A 80 1.02 9.43 -2.42
N TRP A 81 0.39 9.36 -1.24
CA TRP A 81 1.01 9.88 -0.04
C TRP A 81 1.99 8.86 0.55
N HIS A 82 3.18 9.36 0.88
CA HIS A 82 4.27 8.58 1.44
C HIS A 82 4.46 8.96 2.91
N HIS A 83 4.62 7.96 3.77
CA HIS A 83 4.99 8.20 5.15
C HIS A 83 6.52 8.20 5.24
N HIS A 84 7.09 9.35 5.59
CA HIS A 84 8.53 9.39 5.82
C HIS A 84 8.89 8.57 7.06
N GLN A 85 10.11 8.02 7.05
CA GLN A 85 10.55 7.19 8.16
C GLN A 85 10.67 7.96 9.47
N ASP A 86 10.61 9.30 9.45
CA ASP A 86 10.60 10.04 10.70
C ASP A 86 9.32 9.82 11.51
N GLY A 87 8.29 9.22 10.91
CA GLY A 87 7.02 9.04 11.59
C GLY A 87 6.28 10.32 11.88
N LYS A 88 6.71 11.43 11.27
CA LYS A 88 6.15 12.76 11.53
C LYS A 88 5.82 13.53 10.27
N THR A 89 6.15 13.00 9.09
CA THR A 89 6.03 13.74 7.85
C THR A 89 5.34 12.86 6.81
N MET A 90 4.42 13.47 6.07
CA MET A 90 3.77 12.88 4.91
C MET A 90 4.20 13.63 3.66
N MET A 91 4.40 12.93 2.56
CA MET A 91 4.91 13.52 1.33
C MET A 91 4.08 13.05 0.15
N LEU A 92 3.71 13.97 -0.73
CA LEU A 92 2.87 13.66 -1.88
C LEU A 92 3.78 13.37 -3.08
N ILE A 93 3.87 12.11 -3.48
CA ILE A 93 4.91 11.61 -4.37
C ILE A 93 4.29 11.09 -5.66
N PRO A 94 4.89 11.33 -6.83
CA PRO A 94 4.39 10.70 -8.05
C PRO A 94 4.46 9.17 -7.95
N LYS A 95 3.37 8.53 -8.38
CA LYS A 95 3.34 7.07 -8.41
C LYS A 95 4.45 6.50 -9.28
N SER A 96 4.89 7.24 -10.30
CA SER A 96 5.92 6.75 -11.22
C SER A 96 7.24 6.47 -10.52
N VAL A 97 7.50 7.08 -9.35
CA VAL A 97 8.67 6.74 -8.56
C VAL A 97 8.33 5.93 -7.32
N HIS A 98 7.10 6.01 -6.81
CA HIS A 98 6.75 5.46 -5.51
C HIS A 98 6.10 4.08 -5.58
N SER A 99 5.40 3.77 -6.67
CA SER A 99 4.48 2.64 -6.73
C SER A 99 4.96 1.59 -7.72
N VAL A 100 5.12 0.36 -7.23
CA VAL A 100 5.55 -0.74 -8.11
C VAL A 100 4.63 -0.87 -9.31
N ARG A 101 3.32 -0.71 -9.09
CA ARG A 101 2.33 -0.87 -10.16
C ARG A 101 2.55 0.14 -11.29
N ASN A 102 3.15 1.29 -10.99
CA ASN A 102 3.35 2.36 -11.95
C ASN A 102 4.81 2.49 -12.39
N GLY A 103 5.63 1.49 -12.11
CA GLY A 103 7.04 1.56 -12.46
C GLY A 103 7.93 2.18 -11.42
N GLY A 104 7.40 2.49 -10.23
CA GLY A 104 8.20 2.98 -9.13
C GLY A 104 8.95 1.87 -8.43
N VAL A 105 9.61 2.22 -7.33
CA VAL A 105 10.50 1.28 -6.64
C VAL A 105 9.85 0.83 -5.33
N ALA A 106 9.82 -0.49 -5.12
CA ALA A 106 9.33 -1.04 -3.86
C ALA A 106 10.22 -0.60 -2.72
N HIS A 107 9.62 -0.32 -1.57
CA HIS A 107 10.37 0.18 -0.45
C HIS A 107 9.52 0.05 0.82
N THR A 108 10.17 0.23 1.95
CA THR A 108 9.56 0.29 3.26
C THR A 108 9.49 1.75 3.69
N GLY A 109 8.41 2.12 4.37
CA GLY A 109 8.27 3.50 4.79
C GLY A 109 7.89 3.70 6.24
N GLY A 110 7.43 4.90 6.56
CA GLY A 110 7.17 5.29 7.94
C GLY A 110 6.02 4.56 8.61
N ARG A 111 5.11 3.94 7.85
CA ARG A 111 4.08 3.14 8.52
C ARG A 111 4.72 2.06 9.38
N SER A 112 5.76 1.42 8.85
CA SER A 112 6.46 0.38 9.60
C SER A 112 7.16 0.99 10.81
N VAL A 113 7.81 2.14 10.63
CA VAL A 113 8.58 2.73 11.72
C VAL A 113 7.67 3.16 12.86
N ILE A 114 6.53 3.76 12.53
CA ILE A 114 5.59 4.15 13.58
C ILE A 114 5.19 2.94 14.40
N GLN A 115 4.85 1.84 13.73
CA GLN A 115 4.44 0.63 14.44
C GLN A 115 5.59 -0.01 15.19
N HIS A 116 6.79 -0.02 14.61
CA HIS A 116 7.97 -0.50 15.32
C HIS A 116 8.17 0.28 16.62
N ASN A 117 8.04 1.61 16.55
CA ASN A 117 8.30 2.43 17.74
C ASN A 117 7.27 2.17 18.84
N LEU A 118 6.03 1.86 18.48
CA LEU A 118 5.04 1.49 19.49
C LEU A 118 5.43 0.21 20.24
N LEU A 119 6.13 -0.70 19.57
CA LEU A 119 6.58 -1.95 20.20
C LEU A 119 7.95 -1.81 20.88
N ASN A 120 8.67 -0.73 20.61
CA ASN A 120 10.01 -0.52 21.11
C ASN A 120 10.15 0.86 21.73
N PRO A 121 9.33 1.17 22.74
CA PRO A 121 9.25 2.54 23.25
C PRO A 121 10.51 3.03 23.93
N ASN A 122 11.39 2.14 24.36
CA ASN A 122 12.63 2.53 25.04
C ASN A 122 13.82 2.46 24.11
N ASN A 123 13.60 2.22 22.83
CA ASN A 123 14.66 2.11 21.84
C ASN A 123 14.11 2.46 20.47
N LYS A 124 13.52 3.63 20.36
CA LYS A 124 12.79 4.00 19.16
C LYS A 124 13.77 4.29 18.02
N LEU A 125 13.31 4.07 16.80
CA LEU A 125 14.02 4.55 15.62
C LEU A 125 13.63 6.00 15.40
N ASN A 126 14.59 6.90 15.54
CA ASN A 126 14.35 8.34 15.51
C ASN A 126 15.11 8.90 14.30
N TYR A 127 14.43 9.03 13.18
CA TYR A 127 15.04 9.49 11.94
C TYR A 127 14.74 10.98 11.73
N SER A 128 15.73 11.69 11.17
CA SER A 128 15.59 13.12 10.98
C SER A 128 14.52 13.41 9.92
N SER A 129 13.97 14.63 9.97
CA SER A 129 12.83 15.04 9.15
C SER A 129 13.29 15.91 7.97
N PRO A 130 12.66 15.75 6.81
CA PRO A 130 12.89 16.71 5.72
C PRO A 130 12.22 18.04 6.03
N GLU A 131 12.73 19.09 5.40
CA GLU A 131 12.09 20.40 5.50
C GLU A 131 10.71 20.36 4.84
N GLU A 132 9.77 21.09 5.44
CA GLU A 132 8.42 21.13 4.88
C GLU A 132 8.39 21.85 3.54
N LEU A 133 7.41 21.49 2.72
CA LEU A 133 7.16 22.11 1.43
C LEU A 133 5.66 22.22 1.25
N ILE B 2 3.84 -18.30 -14.77
CA ILE B 2 2.47 -17.99 -14.40
C ILE B 2 1.56 -18.01 -15.63
N SER B 3 0.30 -18.42 -15.43
CA SER B 3 -0.70 -18.41 -16.50
C SER B 3 -1.58 -17.17 -16.31
N LEU B 4 -1.29 -16.13 -17.11
CA LEU B 4 -2.12 -14.93 -17.05
C LEU B 4 -3.55 -15.21 -17.47
N SER B 5 -3.75 -16.16 -18.39
CA SER B 5 -5.11 -16.58 -18.72
C SER B 5 -5.82 -17.14 -17.49
N ASP B 6 -5.10 -17.94 -16.69
CA ASP B 6 -5.67 -18.45 -15.46
C ASP B 6 -5.94 -17.32 -14.47
N ILE B 7 -5.04 -16.34 -14.40
CA ILE B 7 -5.27 -15.19 -13.53
C ILE B 7 -6.52 -14.45 -13.97
N GLU B 8 -6.66 -14.20 -15.27
CA GLU B 8 -7.85 -13.53 -15.78
C GLU B 8 -9.11 -14.28 -15.41
N ASN B 9 -9.08 -15.62 -15.48
CA ASN B 9 -10.26 -16.39 -15.11
C ASN B 9 -10.60 -16.22 -13.63
N LEU B 10 -9.59 -15.98 -12.79
CA LEU B 10 -9.85 -15.80 -11.36
C LEU B 10 -10.51 -14.45 -11.07
N ILE B 11 -10.13 -13.42 -11.81
CA ILE B 11 -10.53 -12.06 -11.44
C ILE B 11 -11.48 -11.42 -12.44
N GLN B 12 -11.90 -12.14 -13.49
CA GLN B 12 -12.64 -11.53 -14.59
C GLN B 12 -13.88 -10.79 -14.13
N HIS B 13 -14.53 -11.23 -13.05
CA HIS B 13 -15.74 -10.54 -12.60
C HIS B 13 -15.46 -9.10 -12.15
N ILE B 14 -14.23 -8.79 -11.75
CA ILE B 14 -13.91 -7.44 -11.31
C ILE B 14 -13.99 -6.42 -12.45
N TRP B 15 -13.92 -6.87 -13.71
CA TRP B 15 -13.97 -5.95 -14.85
C TRP B 15 -15.38 -5.73 -15.37
N GLU B 16 -16.35 -6.45 -14.84
CA GLU B 16 -17.74 -6.34 -15.25
C GLU B 16 -18.40 -5.17 -14.54
N GLU B 17 -19.32 -4.53 -15.23
CA GLU B 17 -20.10 -3.50 -14.56
C GLU B 17 -21.30 -4.13 -13.87
N PRO B 18 -21.82 -3.52 -12.79
CA PRO B 18 -21.41 -2.24 -12.18
C PRO B 18 -20.21 -2.33 -11.25
N ILE B 19 -19.75 -3.51 -10.88
CA ILE B 19 -18.78 -3.58 -9.79
C ILE B 19 -17.46 -2.93 -10.20
N PHE B 20 -17.11 -3.00 -11.48
CA PHE B 20 -15.86 -2.38 -11.92
C PHE B 20 -15.81 -0.90 -11.54
N SER B 21 -16.89 -0.17 -11.82
CA SER B 21 -16.92 1.24 -11.46
C SER B 21 -17.27 1.46 -9.99
N ASP B 22 -18.02 0.53 -9.39
CA ASP B 22 -18.47 0.72 -8.00
C ASP B 22 -17.34 0.50 -7.00
N VAL B 23 -16.47 -0.47 -7.26
CA VAL B 23 -15.59 -0.94 -6.21
C VAL B 23 -14.59 0.12 -5.79
N THR B 24 -14.28 1.06 -6.66
CA THR B 24 -13.33 2.11 -6.35
C THR B 24 -13.94 3.26 -5.56
N SER B 25 -15.16 3.07 -5.05
CA SER B 25 -15.69 3.94 -4.00
C SER B 25 -15.96 3.16 -2.72
N LYS B 26 -15.46 1.92 -2.62
CA LYS B 26 -15.70 1.06 -1.47
C LYS B 26 -14.42 0.85 -0.66
N LYS B 27 -14.57 0.21 0.48
CA LYS B 27 -13.45 0.00 1.38
C LYS B 27 -13.62 -1.31 2.13
N VAL B 28 -12.48 -1.92 2.47
CA VAL B 28 -12.42 -3.15 3.26
C VAL B 28 -12.50 -2.77 4.73
N VAL B 29 -13.35 -3.48 5.48
CA VAL B 29 -13.46 -3.31 6.93
C VAL B 29 -12.43 -4.24 7.57
N VAL B 30 -11.31 -3.69 8.01
CA VAL B 30 -10.19 -4.53 8.43
C VAL B 30 -10.56 -5.36 9.66
N SER B 31 -11.39 -4.80 10.55
CA SER B 31 -11.73 -5.51 11.78
C SER B 31 -12.55 -6.78 11.53
N LEU B 32 -13.07 -6.98 10.33
CA LEU B 32 -13.71 -8.26 10.02
C LEU B 32 -12.71 -9.38 9.88
N TYR B 33 -11.42 -9.05 9.76
CA TYR B 33 -10.36 -10.01 9.46
C TYR B 33 -9.38 -10.01 10.63
N GLY B 34 -9.42 -11.06 11.45
CA GLY B 34 -8.70 -11.03 12.72
C GLY B 34 -7.20 -10.91 12.54
N THR B 35 -6.62 -11.76 11.70
CA THR B 35 -5.18 -11.73 11.51
C THR B 35 -4.74 -10.41 10.90
N LEU B 36 -5.47 -9.93 9.88
CA LEU B 36 -5.12 -8.65 9.28
C LEU B 36 -5.17 -7.53 10.30
N SER B 37 -6.19 -7.55 11.18
CA SER B 37 -6.32 -6.48 12.17
C SER B 37 -5.15 -6.46 13.15
N LYS B 38 -4.51 -7.61 13.38
CA LYS B 38 -3.31 -7.63 14.21
C LYS B 38 -2.05 -7.25 13.45
N LYS B 39 -2.07 -7.31 12.14
CA LYS B 39 -0.88 -7.06 11.35
C LYS B 39 -0.73 -5.60 10.93
N ILE B 40 -1.82 -4.88 10.68
CA ILE B 40 -1.73 -3.53 10.17
C ILE B 40 -2.52 -2.60 11.06
N PRO B 41 -2.19 -1.30 11.06
CA PRO B 41 -2.95 -0.35 11.88
C PRO B 41 -4.22 0.15 11.24
N ASP B 42 -4.39 0.01 9.92
CA ASP B 42 -5.52 0.60 9.21
C ASP B 42 -6.83 -0.02 9.67
N LYS B 43 -7.85 0.83 9.89
CA LYS B 43 -9.18 0.33 10.19
C LYS B 43 -9.96 0.00 8.92
N PHE B 44 -9.68 0.70 7.83
CA PHE B 44 -10.32 0.45 6.56
C PHE B 44 -9.27 0.52 5.47
N ILE B 45 -9.43 -0.27 4.42
CA ILE B 45 -8.57 -0.18 3.24
C ILE B 45 -9.39 0.40 2.10
N ILE B 46 -8.99 1.58 1.65
CA ILE B 46 -9.72 2.30 0.62
C ILE B 46 -9.30 1.78 -0.75
N ILE B 47 -10.23 1.29 -1.53
CA ILE B 47 -9.94 0.73 -2.85
C ILE B 47 -9.91 1.86 -3.87
N GLU B 48 -8.84 1.94 -4.66
CA GLU B 48 -8.56 3.07 -5.53
C GLU B 48 -8.54 2.73 -7.02
N GLU B 49 -8.15 1.53 -7.40
CA GLU B 49 -8.00 1.20 -8.80
C GLU B 49 -8.23 -0.30 -9.00
N VAL B 50 -8.98 -0.64 -10.05
CA VAL B 50 -9.03 -2.01 -10.56
C VAL B 50 -7.96 -2.10 -11.63
N PHE B 51 -6.99 -2.99 -11.44
CA PHE B 51 -5.93 -3.12 -12.45
C PHE B 51 -6.54 -3.64 -13.74
N PRO B 52 -6.33 -2.97 -14.87
CA PRO B 52 -6.97 -3.39 -16.12
C PRO B 52 -6.30 -4.62 -16.71
N LYS B 53 -7.12 -5.42 -17.41
CA LYS B 53 -6.64 -6.63 -18.06
C LYS B 53 -5.46 -6.35 -18.99
N ASP B 54 -5.54 -5.26 -19.76
CA ASP B 54 -4.48 -5.01 -20.74
C ASP B 54 -3.18 -4.54 -20.12
N GLU B 55 -3.11 -4.41 -18.79
CA GLU B 55 -1.89 -4.04 -18.12
C GLU B 55 -1.35 -5.11 -17.19
N LEU B 56 -2.05 -6.25 -17.05
CA LEU B 56 -1.62 -7.24 -16.06
C LEU B 56 -0.22 -7.76 -16.35
N GLU B 57 0.13 -7.95 -17.63
CA GLU B 57 1.45 -8.48 -17.94
C GLU B 57 2.54 -7.53 -17.47
N ASP B 58 2.39 -6.23 -17.76
CA ASP B 58 3.37 -5.25 -17.31
C ASP B 58 3.38 -5.13 -15.79
N ILE B 59 2.20 -5.16 -15.17
CA ILE B 59 2.14 -5.05 -13.71
C ILE B 59 2.83 -6.25 -13.08
N TRP B 60 2.56 -7.47 -13.58
CA TRP B 60 3.22 -8.64 -13.03
C TRP B 60 4.72 -8.61 -13.29
N SER B 61 5.16 -8.06 -14.42
CA SER B 61 6.59 -7.96 -14.64
C SER B 61 7.25 -7.12 -13.56
N ASN B 62 6.51 -6.17 -12.98
CA ASN B 62 7.06 -5.36 -11.89
C ASN B 62 6.87 -5.99 -10.52
N TYR B 63 5.80 -6.76 -10.32
CA TYR B 63 5.51 -7.32 -9.01
C TYR B 63 6.04 -8.74 -8.80
N GLU B 64 6.37 -9.45 -9.89
CA GLU B 64 6.67 -10.88 -9.80
C GLU B 64 7.78 -11.17 -8.79
N GLU B 65 8.85 -10.37 -8.79
CA GLU B 65 9.96 -10.64 -7.89
C GLU B 65 9.56 -10.52 -6.43
N TYR B 66 8.50 -9.76 -6.14
CA TYR B 66 8.06 -9.56 -4.76
C TYR B 66 6.98 -10.53 -4.33
N LEU B 67 6.19 -11.07 -5.26
CA LEU B 67 4.99 -11.81 -4.90
C LEU B 67 4.99 -13.27 -5.35
N ASP B 68 5.92 -13.70 -6.20
CA ASP B 68 5.81 -15.05 -6.75
C ASP B 68 5.96 -16.12 -5.68
N GLU B 69 6.65 -15.84 -4.58
CA GLU B 69 6.80 -16.86 -3.55
C GLU B 69 5.54 -17.01 -2.70
N TYR B 70 4.74 -15.94 -2.58
CA TYR B 70 3.47 -16.04 -1.90
C TYR B 70 2.39 -16.66 -2.77
N LEU B 71 2.63 -16.75 -4.09
CA LEU B 71 1.62 -17.20 -5.05
C LEU B 71 0.32 -16.41 -4.92
N ILE B 72 0.46 -15.09 -4.88
CA ILE B 72 -0.68 -14.19 -4.91
C ILE B 72 -0.45 -13.15 -5.99
N PHE B 73 -1.54 -12.72 -6.61
CA PHE B 73 -1.47 -11.85 -7.77
C PHE B 73 -2.26 -10.57 -7.50
N PRO B 74 -1.66 -9.39 -7.68
CA PRO B 74 -2.33 -8.15 -7.29
C PRO B 74 -3.34 -7.70 -8.35
N PHE B 75 -4.52 -7.28 -7.90
CA PHE B 75 -5.53 -6.82 -8.85
C PHE B 75 -6.28 -5.56 -8.41
N LEU B 76 -6.16 -5.10 -7.16
CA LEU B 76 -6.71 -3.81 -6.75
C LEU B 76 -5.62 -2.98 -6.14
N GLY B 77 -5.55 -1.71 -6.57
CA GLY B 77 -4.78 -0.72 -5.87
C GLY B 77 -5.61 -0.01 -4.83
N THR B 78 -4.92 0.57 -3.84
CA THR B 78 -5.56 1.16 -2.68
C THR B 78 -5.02 2.58 -2.48
N LEU B 79 -5.47 3.22 -1.39
CA LEU B 79 -5.07 4.62 -1.14
C LEU B 79 -3.57 4.74 -0.94
N GLY B 80 -2.95 3.80 -0.22
CA GLY B 80 -1.50 3.74 -0.11
C GLY B 80 -0.91 2.81 -1.16
N GLU B 81 0.19 2.14 -0.79
CA GLU B 81 0.81 1.18 -1.68
C GLU B 81 0.29 -0.24 -1.51
N ALA B 82 -0.51 -0.51 -0.47
CA ALA B 82 -1.02 -1.86 -0.32
C ALA B 82 -1.82 -2.27 -1.55
N VAL B 83 -1.78 -3.56 -1.86
CA VAL B 83 -2.55 -4.12 -2.95
C VAL B 83 -3.41 -5.27 -2.44
N ILE B 84 -4.59 -5.42 -3.04
CA ILE B 84 -5.42 -6.59 -2.80
C ILE B 84 -5.08 -7.60 -3.87
N CYS B 85 -4.84 -8.85 -3.45
CA CYS B 85 -4.32 -9.89 -4.31
C CYS B 85 -5.21 -11.12 -4.24
N ILE B 86 -5.03 -12.01 -5.21
CA ILE B 86 -5.76 -13.28 -5.25
C ILE B 86 -4.77 -14.43 -5.33
N GLY B 87 -5.04 -15.49 -4.57
CA GLY B 87 -4.17 -16.67 -4.58
C GLY B 87 -4.28 -17.43 -5.90
N TYR B 88 -3.14 -17.93 -6.36
CA TYR B 88 -3.14 -18.79 -7.54
C TYR B 88 -2.40 -20.10 -7.32
N GLY B 89 -1.95 -20.38 -6.11
CA GLY B 89 -1.37 -21.67 -5.82
C GLY B 89 -2.44 -22.69 -5.46
N ASN B 90 -2.02 -23.95 -5.33
CA ASN B 90 -2.98 -24.99 -4.98
C ASN B 90 -3.56 -24.76 -3.60
N ASP B 91 -2.78 -24.20 -2.67
CA ASP B 91 -3.30 -24.01 -1.32
C ASP B 91 -4.24 -22.81 -1.22
N ASN B 92 -4.00 -21.76 -2.00
CA ASN B 92 -4.67 -20.49 -1.77
C ASN B 92 -5.50 -20.05 -2.97
N LYS B 93 -5.76 -20.95 -3.93
CA LYS B 93 -6.37 -20.53 -5.18
C LYS B 93 -7.69 -19.80 -4.93
N GLY B 94 -7.82 -18.60 -5.51
CA GLY B 94 -9.03 -17.83 -5.42
C GLY B 94 -9.22 -17.09 -4.10
N LYS B 95 -8.38 -17.33 -3.10
CA LYS B 95 -8.52 -16.64 -1.83
C LYS B 95 -7.95 -15.23 -1.93
N ILE B 96 -8.60 -14.29 -1.26
CA ILE B 96 -8.20 -12.89 -1.31
C ILE B 96 -7.18 -12.60 -0.21
N PHE B 97 -6.19 -11.79 -0.55
CA PHE B 97 -5.10 -11.41 0.34
C PHE B 97 -4.91 -9.89 0.32
N TYR B 98 -4.41 -9.37 1.44
CA TYR B 98 -3.83 -8.03 1.52
C TYR B 98 -2.32 -8.19 1.46
N PHE B 99 -1.65 -7.27 0.77
CA PHE B 99 -0.20 -7.24 0.78
C PHE B 99 0.30 -5.81 0.85
N ASP B 100 1.33 -5.56 1.66
CA ASP B 100 2.08 -4.32 1.53
C ASP B 100 3.54 -4.57 1.90
N PHE B 101 4.39 -3.60 1.57
CA PHE B 101 5.83 -3.71 1.76
C PHE B 101 6.28 -3.30 3.15
N ASP B 102 5.37 -2.91 4.03
CA ASP B 102 5.70 -2.60 5.41
C ASP B 102 5.45 -3.77 6.35
N PHE B 103 4.38 -4.53 6.10
CA PHE B 103 3.91 -5.56 7.02
C PHE B 103 3.76 -6.93 6.38
N GLY B 104 3.75 -7.04 5.06
CA GLY B 104 3.71 -8.33 4.40
C GLY B 104 2.34 -8.70 3.86
N ALA B 105 2.15 -10.01 3.69
CA ALA B 105 0.95 -10.59 3.12
C ALA B 105 0.06 -11.14 4.21
N CYS B 106 -1.25 -11.14 3.96
CA CYS B 106 -2.20 -11.66 4.93
C CYS B 106 -3.43 -12.15 4.19
N GLU B 107 -3.77 -13.42 4.41
CA GLU B 107 -4.98 -13.99 3.84
C GLU B 107 -6.20 -13.43 4.57
N LEU B 108 -7.23 -13.11 3.80
CA LEU B 108 -8.46 -12.54 4.37
C LEU B 108 -9.42 -13.66 4.79
N ASP B 109 -8.91 -14.51 5.68
CA ASP B 109 -9.72 -15.51 6.40
C ASP B 109 -10.39 -16.50 5.46
N GLY B 110 -9.79 -16.79 4.31
CA GLY B 110 -10.34 -17.74 3.38
C GLY B 110 -11.44 -17.23 2.50
N ASP B 111 -11.77 -15.94 2.57
CA ASP B 111 -12.78 -15.38 1.67
C ASP B 111 -12.32 -15.49 0.23
N ASN B 112 -13.23 -15.95 -0.63
CA ASN B 112 -13.01 -15.85 -2.06
C ASN B 112 -13.46 -14.47 -2.55
N LEU B 113 -13.40 -14.26 -3.86
CA LEU B 113 -13.69 -12.95 -4.41
C LEU B 113 -15.10 -12.50 -4.06
N GLU B 114 -16.09 -13.40 -4.17
CA GLU B 114 -17.47 -13.01 -3.92
C GLU B 114 -17.67 -12.64 -2.45
N ALA B 115 -17.13 -13.45 -1.54
CA ALA B 115 -17.26 -13.15 -0.12
C ALA B 115 -16.58 -11.84 0.24
N PHE B 116 -15.39 -11.59 -0.33
CA PHE B 116 -14.67 -10.34 -0.10
C PHE B 116 -15.50 -9.15 -0.57
N LEU B 117 -16.03 -9.21 -1.80
CA LEU B 117 -16.79 -8.09 -2.34
C LEU B 117 -18.06 -7.83 -1.52
N GLU B 118 -18.71 -8.89 -1.06
CA GLU B 118 -19.98 -8.72 -0.36
C GLU B 118 -19.82 -7.94 0.94
N LYS B 119 -18.66 -8.03 1.57
CA LYS B 119 -18.44 -7.41 2.87
C LYS B 119 -17.88 -5.99 2.78
N LEU B 120 -17.59 -5.50 1.58
CA LEU B 120 -17.10 -4.13 1.45
C LEU B 120 -18.19 -3.12 1.83
N LEU B 121 -17.75 -1.97 2.32
CA LEU B 121 -18.64 -0.86 2.62
C LEU B 121 -18.37 0.28 1.65
N GLU B 122 -19.40 1.09 1.39
CA GLU B 122 -19.14 2.36 0.73
C GLU B 122 -18.18 3.17 1.58
N SER B 123 -17.24 3.85 0.93
CA SER B 123 -16.27 4.64 1.68
C SER B 123 -16.95 5.70 2.55
N GLY B 124 -18.04 6.31 2.05
CA GLY B 124 -18.77 7.30 2.81
C GLY B 124 -19.81 6.76 3.76
N SER B 125 -19.85 5.44 3.94
CA SER B 125 -20.85 4.82 4.81
C SER B 125 -20.78 5.39 6.21
N THR B 126 -21.96 5.62 6.79
CA THR B 126 -22.12 5.97 8.19
C THR B 126 -22.60 4.79 9.03
N GLU B 127 -22.54 3.58 8.48
CA GLU B 127 -22.93 2.38 9.21
C GLU B 127 -22.21 2.33 10.54
N ASN B 128 -22.98 2.10 11.61
CA ASN B 128 -22.41 2.00 12.95
C ASN B 128 -21.65 0.70 13.09
N LEU B 129 -20.35 0.80 13.36
CA LEU B 129 -19.53 -0.38 13.58
C LEU B 129 -19.13 -0.48 15.04
N TYR B 130 -18.99 -1.70 15.51
CA TYR B 130 -18.82 -1.95 16.93
C TYR B 130 -17.50 -2.68 17.18
N PHE B 131 -17.04 -2.59 18.43
CA PHE B 131 -15.88 -3.36 18.88
C PHE B 131 -16.18 -4.85 18.70
#